data_4HH8
#
_entry.id   4HH8
#
_cell.length_a   73.180
_cell.length_b   101.020
_cell.length_c   44.310
_cell.angle_alpha   90.000
_cell.angle_beta   90.000
_cell.angle_gamma   90.000
#
_symmetry.space_group_name_H-M   'P 21 21 2'
#
loop_
_entity.id
_entity.type
_entity.pdbx_description
1 polymer 'Butyrophilin subfamily 1 member A1'
2 water water
#
_entity_poly.entity_id   1
_entity_poly.type   'polypeptide(L)'
_entity_poly.pdbx_seq_one_letter_code
;ASWSHPQFEKGAAPFDVIGPPEPILAVVGEDAELPCRLSPNVSAKG(MSE)ELRWFREKVSPAVFLSREGQEQEGEE
(MSE)AEYRGRVSLVEDHIAEGSVAVRIQEVKASDDGEYRCFFRQDENYEEAIVHLKVAALGSDPHIS(MSE)KVQESGE
IQLECTSVGWYPEPQVQWQTHRGEEFPS(MSE)SESRNPDEEGLFTVRASVIIRDSS(MSE)KNVSCAIRNLLLGQEKEV
EVSIPAS
;
_entity_poly.pdbx_strand_id   A
#
# COMPACT_ATOMS: atom_id res chain seq x y z
N ALA A 13 -12.76 31.94 -1.93
CA ALA A 13 -11.28 32.04 -1.66
C ALA A 13 -10.45 32.41 -2.91
N PRO A 14 -9.43 33.24 -2.72
CA PRO A 14 -8.61 33.64 -3.86
C PRO A 14 -7.51 32.61 -4.25
N PHE A 15 -7.71 31.34 -3.90
CA PHE A 15 -6.77 30.28 -4.23
C PHE A 15 -7.47 28.95 -4.21
N ASP A 16 -6.89 27.98 -4.92
CA ASP A 16 -7.31 26.59 -4.76
C ASP A 16 -6.16 25.71 -4.28
N VAL A 17 -6.56 24.54 -3.82
CA VAL A 17 -5.64 23.53 -3.30
C VAL A 17 -5.85 22.31 -4.20
N ILE A 18 -4.77 21.86 -4.83
CA ILE A 18 -4.80 20.74 -5.74
C ILE A 18 -4.09 19.52 -5.15
N GLY A 19 -4.73 18.35 -5.17
CA GLY A 19 -4.06 17.12 -4.79
C GLY A 19 -3.39 16.44 -5.98
N PRO A 20 -2.64 15.35 -5.74
CA PRO A 20 -1.96 14.72 -6.91
C PRO A 20 -2.93 14.09 -7.92
N PRO A 21 -2.50 13.98 -9.21
CA PRO A 21 -3.29 13.28 -10.25
C PRO A 21 -3.70 11.88 -9.81
N GLU A 22 -2.75 11.19 -9.16
CA GLU A 22 -2.96 9.79 -8.77
C GLU A 22 -2.63 9.43 -7.31
N PRO A 23 -3.02 8.21 -6.86
CA PRO A 23 -2.63 7.74 -5.52
C PRO A 23 -1.13 7.79 -5.34
N ILE A 24 -0.66 8.05 -4.12
CA ILE A 24 0.75 7.91 -3.79
C ILE A 24 0.99 6.48 -3.38
N LEU A 25 2.02 5.88 -3.96
CA LEU A 25 2.34 4.48 -3.67
C LEU A 25 3.45 4.45 -2.66
N ALA A 26 3.26 3.71 -1.57
CA ALA A 26 4.24 3.65 -0.48
C ALA A 26 4.48 2.21 0.03
N VAL A 27 5.73 1.79 0.09
CA VAL A 27 6.08 0.47 0.60
C VAL A 27 6.08 0.47 2.15
N VAL A 28 5.53 -0.57 2.76
CA VAL A 28 5.56 -0.74 4.24
C VAL A 28 7.00 -0.60 4.76
N GLY A 29 7.17 0.19 5.81
CA GLY A 29 8.50 0.40 6.39
C GLY A 29 9.25 1.57 5.77
N GLU A 30 8.80 2.08 4.61
CA GLU A 30 9.46 3.26 4.01
C GLU A 30 8.71 4.53 4.35
N ASP A 31 9.26 5.67 3.93
CA ASP A 31 8.55 6.92 4.08
C ASP A 31 7.69 7.21 2.86
N ALA A 32 6.60 7.92 3.08
CA ALA A 32 5.81 8.42 1.98
C ALA A 32 5.60 9.91 2.15
N GLU A 33 5.42 10.57 1.02
CA GLU A 33 5.15 12.00 0.99
C GLU A 33 3.82 12.21 0.32
N LEU A 34 2.95 12.98 1.00
CA LEU A 34 1.61 13.31 0.54
C LEU A 34 1.58 14.78 0.14
N PRO A 35 1.70 15.07 -1.16
CA PRO A 35 1.85 16.48 -1.62
C PRO A 35 0.51 17.11 -1.87
N CYS A 36 0.44 18.42 -1.69
CA CYS A 36 -0.67 19.23 -2.16
C CYS A 36 -0.07 20.60 -2.46
N ARG A 37 -0.68 21.32 -3.39
CA ARG A 37 -0.16 22.62 -3.79
C ARG A 37 -1.26 23.63 -4.00
N LEU A 38 -0.92 24.90 -3.81
CA LEU A 38 -1.82 26.00 -4.12
C LEU A 38 -1.89 26.23 -5.62
N SER A 39 -3.06 26.65 -6.08
CA SER A 39 -3.27 27.26 -7.40
C SER A 39 -3.94 28.62 -7.17
N PRO A 40 -3.30 29.70 -7.60
CA PRO A 40 -2.02 29.85 -8.30
C PRO A 40 -0.83 29.53 -7.42
N ASN A 41 0.35 29.48 -8.02
CA ASN A 41 1.55 29.09 -7.30
C ASN A 41 2.12 30.20 -6.40
N VAL A 42 1.31 30.63 -5.44
CA VAL A 42 1.74 31.64 -4.49
C VAL A 42 2.32 31.01 -3.21
N SER A 43 3.10 31.77 -2.45
CA SER A 43 3.68 31.26 -1.20
C SER A 43 2.64 30.72 -0.23
N ALA A 44 2.92 29.57 0.36
CA ALA A 44 2.09 29.03 1.43
C ALA A 44 2.70 29.27 2.84
N LYS A 45 3.86 29.94 2.92
CA LYS A 45 4.55 30.21 4.22
C LYS A 45 3.65 30.94 5.20
N GLY A 46 3.46 30.39 6.41
CA GLY A 46 2.64 31.07 7.44
C GLY A 46 1.17 30.70 7.44
N MSE A 47 0.74 29.88 6.50
CA MSE A 47 -0.63 29.45 6.40
C MSE A 47 -0.88 28.32 7.37
O MSE A 47 0.04 27.66 7.80
CB MSE A 47 -0.92 28.94 4.99
CG MSE A 47 -1.07 30.03 3.97
SE MSE A 47 -1.86 29.33 2.32
CE MSE A 47 -3.73 29.19 2.78
N GLU A 48 -2.13 28.08 7.71
CA GLU A 48 -2.44 26.85 8.39
C GLU A 48 -2.48 25.73 7.36
N LEU A 49 -1.60 24.75 7.57
CA LEU A 49 -1.49 23.52 6.78
C LEU A 49 -1.95 22.35 7.63
N ARG A 50 -3.02 21.67 7.26
CA ARG A 50 -3.56 20.57 8.05
C ARG A 50 -3.75 19.33 7.17
N TRP A 51 -3.14 18.22 7.53
CA TRP A 51 -3.51 16.95 6.89
C TRP A 51 -4.32 16.15 7.88
N PHE A 52 -5.39 15.52 7.42
CA PHE A 52 -6.22 14.73 8.30
C PHE A 52 -6.85 13.57 7.56
N ARG A 53 -7.44 12.65 8.31
CA ARG A 53 -8.09 11.51 7.70
C ARG A 53 -9.59 11.63 7.81
N GLU A 54 -10.15 11.08 8.89
CA GLU A 54 -11.59 11.08 9.03
C GLU A 54 -12.07 12.33 9.79
N LYS A 55 -11.44 12.67 10.91
CA LYS A 55 -11.79 13.91 11.63
C LYS A 55 -10.76 15.02 11.34
N VAL A 56 -11.24 16.27 11.15
CA VAL A 56 -10.35 17.44 11.03
C VAL A 56 -9.37 17.54 12.20
N SER A 57 -9.85 17.17 13.38
CA SER A 57 -9.06 17.24 14.61
C SER A 57 -9.40 16.00 15.47
N PRO A 58 -8.38 15.29 16.00
CA PRO A 58 -6.95 15.53 15.82
C PRO A 58 -6.48 15.13 14.43
N ALA A 59 -5.44 15.82 13.95
CA ALA A 59 -5.00 15.75 12.57
C ALA A 59 -3.81 14.82 12.44
N VAL A 60 -3.51 14.41 11.22
CA VAL A 60 -2.28 13.69 10.90
C VAL A 60 -1.08 14.64 11.11
N PHE A 61 -1.23 15.87 10.62
CA PHE A 61 -0.16 16.87 10.68
C PHE A 61 -0.81 18.27 10.69
N LEU A 62 -0.29 19.12 11.57
CA LEU A 62 -0.81 20.48 11.68
C LEU A 62 0.34 21.47 11.89
N SER A 63 0.43 22.42 10.96
CA SER A 63 1.30 23.59 11.13
C SER A 63 0.42 24.82 11.21
N ARG A 64 0.69 25.68 12.18
CA ARG A 64 0.15 27.06 12.19
C ARG A 64 1.26 28.05 12.46
N GLU A 65 1.19 29.20 11.82
CA GLU A 65 2.17 30.26 12.04
C GLU A 65 3.59 29.70 11.97
N GLY A 66 3.84 28.93 10.92
CA GLY A 66 5.15 28.29 10.67
C GLY A 66 5.65 27.33 11.74
N GLN A 67 4.77 26.88 12.62
CA GLN A 67 5.20 25.87 13.59
C GLN A 67 4.31 24.62 13.67
N GLU A 68 4.94 23.46 13.71
CA GLU A 68 4.19 22.25 13.93
C GLU A 68 3.45 22.30 15.26
N GLN A 69 2.15 22.02 15.26
CA GLN A 69 1.37 21.89 16.50
C GLN A 69 1.17 20.43 16.94
N GLU A 70 2.13 19.87 17.68
CA GLU A 70 2.09 18.43 18.05
C GLU A 70 0.89 18.00 18.89
N GLY A 71 0.43 18.86 19.79
CA GLY A 71 -0.68 18.53 20.65
C GLY A 71 -2.04 18.47 19.96
N GLU A 72 -2.08 18.88 18.69
CA GLU A 72 -3.30 18.84 17.91
C GLU A 72 -3.23 17.70 16.86
N GLU A 73 -2.14 16.91 16.92
CA GLU A 73 -1.91 15.77 16.04
C GLU A 73 -2.29 14.45 16.72
N MSE A 74 -2.93 13.55 15.99
CA MSE A 74 -3.17 12.17 16.46
C MSE A 74 -1.89 11.60 17.04
O MSE A 74 -0.80 11.79 16.48
CB MSE A 74 -3.61 11.26 15.33
CG MSE A 74 -5.03 11.50 14.86
SE MSE A 74 -5.37 10.59 13.12
CE MSE A 74 -5.59 12.09 12.00
N ALA A 75 -2.02 10.91 18.17
CA ALA A 75 -0.88 10.31 18.90
C ALA A 75 -0.10 9.27 18.09
N GLU A 76 -0.81 8.53 17.25
CA GLU A 76 -0.20 7.56 16.34
C GLU A 76 0.49 8.19 15.12
N TYR A 77 0.33 9.49 14.91
CA TYR A 77 1.15 10.17 13.92
C TYR A 77 2.28 10.98 14.49
N ARG A 78 2.13 11.41 15.73
CA ARG A 78 3.14 12.25 16.38
C ARG A 78 4.49 11.63 16.34
N GLY A 79 5.49 12.41 15.99
CA GLY A 79 6.85 11.91 15.97
C GLY A 79 7.23 11.12 14.71
N ARG A 80 6.28 10.88 13.80
CA ARG A 80 6.62 10.24 12.51
C ARG A 80 6.18 11.09 11.30
N VAL A 81 5.70 12.31 11.57
CA VAL A 81 5.25 13.23 10.51
C VAL A 81 6.06 14.52 10.51
N SER A 82 6.26 15.09 9.33
CA SER A 82 6.99 16.34 9.14
C SER A 82 6.64 16.98 7.82
N LEU A 83 6.81 18.29 7.75
CA LEU A 83 6.43 19.08 6.61
C LEU A 83 7.58 19.06 5.66
N VAL A 84 7.30 18.71 4.40
CA VAL A 84 8.26 18.95 3.31
C VAL A 84 7.93 20.32 2.71
N GLU A 85 8.93 21.19 2.65
CA GLU A 85 8.70 22.59 2.34
C GLU A 85 9.80 23.22 1.49
N ASP A 86 10.59 22.41 0.78
CA ASP A 86 11.59 22.96 -0.17
C ASP A 86 10.94 24.01 -1.08
N HIS A 87 9.68 23.79 -1.42
CA HIS A 87 9.00 24.56 -2.45
C HIS A 87 7.82 25.34 -1.89
N ILE A 88 7.82 25.55 -0.58
CA ILE A 88 6.69 26.23 0.06
C ILE A 88 6.46 27.65 -0.48
N ALA A 89 7.53 28.31 -0.87
CA ALA A 89 7.41 29.67 -1.38
C ALA A 89 6.66 29.75 -2.70
N GLU A 90 6.49 28.61 -3.37
CA GLU A 90 5.62 28.61 -4.54
C GLU A 90 4.34 27.82 -4.29
N GLY A 91 4.10 27.45 -3.03
CA GLY A 91 2.80 26.92 -2.66
C GLY A 91 2.72 25.40 -2.63
N SER A 92 3.86 24.76 -2.83
CA SER A 92 3.96 23.31 -2.90
C SER A 92 4.65 22.72 -1.68
N VAL A 93 3.92 21.84 -0.98
CA VAL A 93 4.41 21.22 0.27
C VAL A 93 3.97 19.77 0.33
N ALA A 94 4.42 19.04 1.34
CA ALA A 94 3.95 17.68 1.50
C ALA A 94 4.15 17.36 2.95
N VAL A 95 3.45 16.34 3.43
CA VAL A 95 3.66 15.77 4.75
C VAL A 95 4.38 14.47 4.47
N ARG A 96 5.56 14.31 5.10
CA ARG A 96 6.28 13.08 5.09
C ARG A 96 5.82 12.19 6.26
N ILE A 97 5.33 10.99 5.94
CA ILE A 97 5.00 10.03 6.97
C ILE A 97 6.06 8.95 6.97
N GLN A 98 6.74 8.80 8.10
CA GLN A 98 7.84 7.84 8.21
C GLN A 98 7.33 6.48 8.60
N GLU A 99 8.06 5.46 8.16
CA GLU A 99 7.79 4.09 8.53
C GLU A 99 6.32 3.72 8.28
N VAL A 100 5.95 3.77 6.99
CA VAL A 100 4.56 3.50 6.58
C VAL A 100 4.13 2.10 7.01
N LYS A 101 2.93 1.99 7.58
CA LYS A 101 2.31 0.69 7.80
C LYS A 101 0.99 0.53 7.05
N ALA A 102 0.50 -0.71 7.00
CA ALA A 102 -0.79 -1.05 6.38
C ALA A 102 -1.96 -0.17 6.83
N SER A 103 -2.04 0.13 8.12
CA SER A 103 -3.10 1.02 8.65
C SER A 103 -3.05 2.47 8.13
N ASP A 104 -1.91 2.89 7.58
CA ASP A 104 -1.78 4.22 6.96
C ASP A 104 -2.46 4.32 5.59
N ASP A 105 -2.79 3.18 4.99
CA ASP A 105 -3.50 3.15 3.70
C ASP A 105 -4.85 3.85 3.79
N GLY A 106 -5.17 4.66 2.79
CA GLY A 106 -6.47 5.31 2.72
C GLY A 106 -6.43 6.74 2.20
N GLU A 107 -7.52 7.44 2.43
CA GLU A 107 -7.76 8.79 1.91
C GLU A 107 -7.28 9.80 2.95
N TYR A 108 -6.56 10.81 2.49
CA TYR A 108 -6.16 11.91 3.35
C TYR A 108 -6.72 13.16 2.75
N ARG A 109 -6.93 14.18 3.57
CA ARG A 109 -7.32 15.47 3.07
C ARG A 109 -6.28 16.52 3.47
N CYS A 110 -5.93 17.39 2.53
CA CYS A 110 -4.99 18.50 2.82
C CYS A 110 -5.72 19.82 2.79
N PHE A 111 -5.65 20.52 3.91
CA PHE A 111 -6.36 21.75 4.12
C PHE A 111 -5.36 22.90 4.33
N PHE A 112 -5.55 23.98 3.56
CA PHE A 112 -4.74 25.20 3.62
C PHE A 112 -5.66 26.34 4.05
N ARG A 113 -5.27 27.09 5.09
CA ARG A 113 -6.06 28.24 5.52
C ARG A 113 -5.23 29.50 5.74
N GLN A 114 -5.69 30.62 5.20
CA GLN A 114 -5.20 31.95 5.55
C GLN A 114 -6.39 32.81 6.00
N ASP A 115 -6.38 33.17 7.29
CA ASP A 115 -7.51 33.80 7.99
C ASP A 115 -8.86 33.14 7.70
N GLU A 116 -9.66 33.80 6.86
CA GLU A 116 -11.04 33.39 6.55
C GLU A 116 -11.14 32.53 5.28
N ASN A 117 -10.09 32.54 4.48
CA ASN A 117 -10.04 31.78 3.23
C ASN A 117 -9.41 30.40 3.45
N TYR A 118 -10.18 29.36 3.16
CA TYR A 118 -9.65 28.00 3.21
C TYR A 118 -10.05 27.23 1.96
N GLU A 119 -9.24 26.23 1.61
CA GLU A 119 -9.56 25.28 0.56
C GLU A 119 -8.88 23.94 0.87
N GLU A 120 -9.34 22.88 0.23
CA GLU A 120 -8.81 21.54 0.46
C GLU A 120 -8.86 20.59 -0.75
N ALA A 121 -8.07 19.53 -0.64
CA ALA A 121 -7.98 18.51 -1.68
C ALA A 121 -7.78 17.18 -1.02
N ILE A 122 -7.66 16.15 -1.84
CA ILE A 122 -7.64 14.77 -1.40
C ILE A 122 -6.34 14.17 -1.90
N VAL A 123 -5.65 13.43 -1.02
CA VAL A 123 -4.51 12.60 -1.44
C VAL A 123 -4.80 11.16 -1.01
N HIS A 124 -4.56 10.22 -1.92
CA HIS A 124 -4.79 8.82 -1.59
C HIS A 124 -3.43 8.25 -1.35
N LEU A 125 -3.23 7.66 -0.17
CA LEU A 125 -2.04 6.85 0.07
C LEU A 125 -2.36 5.38 -0.21
N LYS A 126 -1.58 4.75 -1.06
CA LYS A 126 -1.75 3.31 -1.31
C LYS A 126 -0.54 2.60 -0.78
N VAL A 127 -0.71 1.71 0.20
CA VAL A 127 0.42 1.05 0.82
C VAL A 127 0.55 -0.34 0.24
N ALA A 128 1.78 -0.81 0.09
CA ALA A 128 2.04 -2.12 -0.46
C ALA A 128 3.18 -2.80 0.31
N ALA A 129 3.10 -4.12 0.42
CA ALA A 129 4.24 -4.88 0.91
C ALA A 129 4.35 -6.06 0.01
N LEU A 130 5.57 -6.41 -0.26
CA LEU A 130 5.89 -7.56 -1.04
C LEU A 130 6.31 -8.67 -0.09
N GLY A 131 5.75 -9.85 -0.24
CA GLY A 131 5.98 -10.95 0.73
C GLY A 131 7.12 -11.87 0.43
N SER A 132 7.13 -13.02 1.09
CA SER A 132 8.24 -13.98 1.06
C SER A 132 8.24 -14.82 -0.20
N ASP A 133 9.41 -15.37 -0.55
CA ASP A 133 9.53 -16.40 -1.57
C ASP A 133 8.49 -17.49 -1.38
N PRO A 134 7.62 -17.71 -2.40
CA PRO A 134 6.54 -18.72 -2.27
C PRO A 134 7.10 -20.12 -2.14
N HIS A 135 6.30 -21.02 -1.58
CA HIS A 135 6.74 -22.37 -1.38
C HIS A 135 5.65 -23.32 -1.74
N ILE A 136 6.01 -24.38 -2.43
CA ILE A 136 5.04 -25.42 -2.73
C ILE A 136 5.29 -26.71 -1.96
N SER A 137 4.27 -27.15 -1.23
CA SER A 137 4.19 -28.47 -0.61
C SER A 137 3.54 -29.43 -1.55
N MSE A 138 4.11 -30.62 -1.66
CA MSE A 138 3.57 -31.70 -2.46
C MSE A 138 3.08 -32.79 -1.53
O MSE A 138 3.78 -33.18 -0.59
CB MSE A 138 4.66 -32.32 -3.31
CG MSE A 138 5.07 -31.59 -4.55
SE MSE A 138 5.12 -32.89 -6.03
CE MSE A 138 6.23 -34.28 -5.19
N LYS A 139 1.89 -33.33 -1.80
CA LYS A 139 1.39 -34.48 -1.07
C LYS A 139 0.66 -35.42 -2.02
N VAL A 140 1.23 -36.61 -2.22
CA VAL A 140 0.57 -37.64 -3.03
C VAL A 140 -0.39 -38.39 -2.13
N GLN A 141 -1.68 -38.33 -2.45
CA GLN A 141 -2.66 -39.08 -1.67
C GLN A 141 -3.42 -40.10 -2.52
N GLU A 142 -4.72 -40.26 -2.20
CA GLU A 142 -5.67 -41.20 -2.83
C GLU A 142 -5.40 -41.57 -4.30
N SER A 143 -4.42 -42.47 -4.49
CA SER A 143 -4.14 -43.16 -5.75
C SER A 143 -3.82 -42.25 -6.94
N GLY A 144 -2.56 -41.77 -6.98
CA GLY A 144 -2.03 -41.05 -8.15
C GLY A 144 -2.29 -39.55 -8.23
N GLU A 145 -3.34 -39.06 -7.55
CA GLU A 145 -3.67 -37.63 -7.52
C GLU A 145 -2.78 -36.81 -6.57
N ILE A 146 -2.18 -35.76 -7.13
CA ILE A 146 -1.25 -34.85 -6.42
C ILE A 146 -1.92 -33.53 -5.97
N GLN A 147 -1.79 -33.21 -4.68
CA GLN A 147 -2.28 -31.96 -4.10
C GLN A 147 -1.11 -31.05 -3.83
N LEU A 148 -1.15 -29.83 -4.36
CA LEU A 148 -0.09 -28.87 -4.10
C LEU A 148 -0.64 -27.76 -3.23
N GLU A 149 0.19 -27.28 -2.30
CA GLU A 149 -0.18 -26.12 -1.53
C GLU A 149 0.88 -25.07 -1.65
N CYS A 150 0.50 -23.88 -2.09
CA CYS A 150 1.46 -22.79 -2.25
C CYS A 150 1.22 -21.77 -1.15
N THR A 151 2.32 -21.34 -0.58
CA THR A 151 2.28 -20.60 0.66
C THR A 151 3.22 -19.38 0.57
N SER A 152 2.83 -18.24 1.11
CA SER A 152 3.71 -17.10 1.18
C SER A 152 3.14 -16.17 2.23
N VAL A 153 4.01 -15.36 2.79
CA VAL A 153 3.77 -14.60 4.00
C VAL A 153 4.08 -13.13 3.72
N GLY A 154 3.25 -12.20 4.23
CA GLY A 154 3.65 -10.77 4.29
C GLY A 154 3.26 -9.83 3.12
N TRP A 155 2.13 -10.06 2.50
CA TRP A 155 1.74 -9.25 1.35
C TRP A 155 0.75 -8.22 1.76
N TYR A 156 0.82 -7.06 1.13
CA TYR A 156 -0.22 -6.09 1.31
C TYR A 156 -0.41 -5.34 -0.01
N PRO A 157 -1.66 -5.17 -0.47
CA PRO A 157 -2.91 -5.70 0.09
C PRO A 157 -3.03 -7.19 -0.27
N GLU A 158 -4.27 -7.70 -0.35
CA GLU A 158 -4.48 -9.08 -0.77
C GLU A 158 -3.72 -9.33 -2.07
N PRO A 159 -2.83 -10.34 -2.07
CA PRO A 159 -2.04 -10.68 -3.27
C PRO A 159 -2.80 -11.70 -4.15
N GLN A 160 -2.44 -11.77 -5.43
CA GLN A 160 -3.09 -12.67 -6.37
C GLN A 160 -2.22 -13.89 -6.52
N VAL A 161 -2.85 -15.04 -6.67
CA VAL A 161 -2.18 -16.31 -6.87
C VAL A 161 -2.44 -16.73 -8.32
N GLN A 162 -1.41 -17.20 -9.06
CA GLN A 162 -1.60 -17.70 -10.40
C GLN A 162 -0.83 -19.01 -10.53
N TRP A 163 -1.50 -20.07 -10.92
CA TRP A 163 -0.84 -21.32 -11.25
C TRP A 163 -0.65 -21.44 -12.75
N GLN A 164 0.49 -21.97 -13.15
CA GLN A 164 0.82 -22.13 -14.57
C GLN A 164 1.49 -23.44 -14.83
N THR A 165 1.16 -24.05 -15.98
CA THR A 165 1.91 -25.24 -16.48
C THR A 165 3.23 -24.74 -17.00
N HIS A 166 4.15 -25.65 -17.32
CA HIS A 166 5.45 -25.24 -17.91
C HIS A 166 5.26 -24.55 -19.28
N ARG A 167 4.20 -24.95 -20.00
CA ARG A 167 3.79 -24.31 -21.25
C ARG A 167 3.30 -22.85 -21.13
N GLY A 168 2.82 -22.46 -19.96
CA GLY A 168 2.27 -21.11 -19.75
C GLY A 168 0.74 -21.03 -19.63
N GLU A 169 0.06 -22.17 -19.68
CA GLU A 169 -1.39 -22.17 -19.51
C GLU A 169 -1.76 -21.99 -18.00
N GLU A 170 -2.29 -20.81 -17.65
CA GLU A 170 -2.83 -20.57 -16.31
C GLU A 170 -4.05 -21.47 -15.98
N PHE A 171 -4.14 -21.90 -14.73
CA PHE A 171 -5.32 -22.57 -14.25
C PHE A 171 -5.59 -22.10 -12.81
N PRO A 172 -6.85 -22.16 -12.34
CA PRO A 172 -7.15 -21.58 -11.03
C PRO A 172 -6.77 -22.46 -9.84
N SER A 173 -6.77 -21.89 -8.62
CA SER A 173 -6.70 -22.71 -7.40
C SER A 173 -7.97 -23.55 -7.21
N MSE A 174 -7.86 -24.58 -6.38
CA MSE A 174 -9.02 -25.25 -5.79
C MSE A 174 -9.57 -24.37 -4.71
O MSE A 174 -10.76 -23.97 -4.75
CB MSE A 174 -8.62 -26.57 -5.18
CG MSE A 174 -8.89 -27.76 -6.13
SE MSE A 174 -10.83 -28.10 -6.36
CE MSE A 174 -10.98 -29.27 -4.76
N SER A 175 -8.72 -24.07 -3.73
CA SER A 175 -9.13 -23.27 -2.61
C SER A 175 -8.07 -22.20 -2.34
N GLU A 176 -8.44 -21.10 -1.69
CA GLU A 176 -7.45 -20.16 -1.25
C GLU A 176 -7.86 -19.58 0.07
N SER A 177 -6.83 -19.13 0.79
CA SER A 177 -6.95 -18.43 2.06
C SER A 177 -6.00 -17.28 2.18
N ARG A 178 -6.48 -16.19 2.79
CA ARG A 178 -5.64 -15.10 3.20
C ARG A 178 -5.95 -14.69 4.65
N ASN A 179 -4.92 -14.47 5.44
CA ASN A 179 -5.07 -14.15 6.86
C ASN A 179 -4.04 -13.08 7.27
N PRO A 180 -4.53 -11.93 7.77
CA PRO A 180 -3.61 -10.82 8.08
C PRO A 180 -2.81 -11.08 9.34
N ASP A 181 -1.53 -10.76 9.36
CA ASP A 181 -0.73 -10.88 10.59
C ASP A 181 -1.07 -9.74 11.57
N GLU A 182 -0.30 -9.59 12.64
CA GLU A 182 -0.61 -8.52 13.60
C GLU A 182 -0.44 -7.12 13.00
N GLU A 183 0.43 -6.97 12.02
CA GLU A 183 0.64 -5.66 11.36
C GLU A 183 -0.24 -5.54 10.11
N GLY A 184 -1.20 -6.46 9.96
CA GLY A 184 -2.18 -6.40 8.85
C GLY A 184 -1.72 -7.00 7.51
N LEU A 185 -0.57 -7.68 7.50
CA LEU A 185 -0.02 -8.24 6.25
C LEU A 185 -0.55 -9.64 6.01
N PHE A 186 -0.92 -9.93 4.75
CA PHE A 186 -1.53 -11.20 4.41
C PHE A 186 -0.54 -12.33 4.17
N THR A 187 -0.87 -13.45 4.84
CA THR A 187 -0.33 -14.75 4.51
C THR A 187 -1.33 -15.43 3.57
N VAL A 188 -0.81 -16.01 2.50
CA VAL A 188 -1.66 -16.57 1.47
C VAL A 188 -1.41 -18.07 1.34
N ARG A 189 -2.47 -18.85 1.33
CA ARG A 189 -2.36 -20.28 1.09
C ARG A 189 -3.25 -20.63 -0.12
N ALA A 190 -2.75 -21.40 -1.07
CA ALA A 190 -3.61 -21.84 -2.13
C ALA A 190 -3.31 -23.29 -2.50
N SER A 191 -4.36 -24.04 -2.79
CA SER A 191 -4.25 -25.46 -3.11
C SER A 191 -4.84 -25.79 -4.43
N VAL A 192 -4.25 -26.79 -5.07
CA VAL A 192 -4.69 -27.21 -6.36
C VAL A 192 -4.56 -28.75 -6.36
N ILE A 193 -5.38 -29.43 -7.15
CA ILE A 193 -5.20 -30.87 -7.34
C ILE A 193 -4.73 -31.09 -8.78
N ILE A 194 -3.55 -31.67 -8.96
CA ILE A 194 -3.02 -31.99 -10.29
C ILE A 194 -3.61 -33.31 -10.79
N ARG A 195 -4.40 -33.27 -11.87
CA ARG A 195 -4.93 -34.50 -12.50
C ARG A 195 -4.32 -34.68 -13.89
N ASP A 196 -3.21 -35.42 -13.95
CA ASP A 196 -2.42 -35.56 -15.18
C ASP A 196 -1.27 -36.57 -14.96
N SER A 197 -0.70 -37.04 -16.07
CA SER A 197 0.62 -37.65 -16.02
C SER A 197 1.58 -36.58 -16.55
N SER A 198 1.15 -35.95 -17.65
CA SER A 198 2.01 -35.14 -18.52
C SER A 198 2.42 -33.79 -17.99
N MSE A 199 1.89 -33.39 -16.84
CA MSE A 199 2.34 -32.13 -16.25
C MSE A 199 3.76 -32.29 -15.68
O MSE A 199 3.97 -32.92 -14.63
CB MSE A 199 1.35 -31.60 -15.21
CG MSE A 199 1.19 -30.10 -15.26
SE MSE A 199 -0.68 -29.54 -15.05
CE MSE A 199 -1.32 -29.84 -16.90
N LYS A 200 4.72 -31.73 -16.39
CA LYS A 200 6.15 -31.86 -16.10
C LYS A 200 6.47 -31.06 -14.82
N ASN A 201 6.32 -29.74 -14.94
CA ASN A 201 6.47 -28.78 -13.86
C ASN A 201 5.18 -27.99 -13.71
N VAL A 202 4.97 -27.47 -12.50
CA VAL A 202 3.95 -26.47 -12.25
C VAL A 202 4.56 -25.33 -11.47
N SER A 203 4.19 -24.10 -11.81
CA SER A 203 4.61 -22.97 -11.01
C SER A 203 3.43 -22.24 -10.31
N CYS A 204 3.77 -21.52 -9.24
CA CYS A 204 2.83 -20.75 -8.48
C CYS A 204 3.41 -19.35 -8.46
N ALA A 205 2.65 -18.34 -8.83
CA ALA A 205 3.12 -16.98 -8.76
C ALA A 205 2.25 -16.23 -7.80
N ILE A 206 2.87 -15.43 -6.93
CA ILE A 206 2.14 -14.59 -6.06
C ILE A 206 2.42 -13.16 -6.52
N ARG A 207 1.39 -12.37 -6.77
CA ARG A 207 1.65 -11.06 -7.32
C ARG A 207 1.02 -9.97 -6.51
N ASN A 208 1.78 -8.93 -6.21
CA ASN A 208 1.22 -7.70 -5.70
C ASN A 208 0.78 -6.83 -6.89
N LEU A 209 -0.53 -6.73 -7.13
CA LEU A 209 -1.13 -6.01 -8.27
C LEU A 209 -0.91 -4.49 -8.25
N LEU A 210 -0.80 -3.95 -7.04
CA LEU A 210 -0.53 -2.55 -6.81
C LEU A 210 0.89 -2.14 -7.21
N LEU A 211 1.88 -2.93 -6.82
CA LEU A 211 3.26 -2.73 -7.30
C LEU A 211 3.53 -3.26 -8.70
N GLY A 212 2.69 -4.18 -9.21
CA GLY A 212 2.98 -4.86 -10.46
C GLY A 212 4.26 -5.69 -10.31
N GLN A 213 4.38 -6.40 -9.18
CA GLN A 213 5.55 -7.24 -8.89
C GLN A 213 5.12 -8.62 -8.39
N GLU A 214 5.81 -9.66 -8.84
CA GLU A 214 5.48 -10.98 -8.40
C GLU A 214 6.71 -11.81 -8.10
N LYS A 215 6.48 -12.91 -7.38
CA LYS A 215 7.49 -13.95 -7.19
C LYS A 215 6.86 -15.26 -7.51
N GLU A 216 7.68 -16.21 -7.95
CA GLU A 216 7.16 -17.51 -8.31
C GLU A 216 8.06 -18.62 -7.85
N VAL A 217 7.48 -19.82 -7.83
CA VAL A 217 8.20 -21.00 -7.45
C VAL A 217 7.70 -22.11 -8.36
N GLU A 218 8.64 -22.90 -8.82
CA GLU A 218 8.33 -24.00 -9.72
C GLU A 218 8.56 -25.30 -8.95
N VAL A 219 7.70 -26.28 -9.14
CA VAL A 219 7.97 -27.60 -8.57
C VAL A 219 7.92 -28.66 -9.66
N SER A 220 8.21 -29.91 -9.31
CA SER A 220 8.47 -30.97 -10.26
C SER A 220 7.62 -32.16 -9.86
N ILE A 221 6.87 -32.69 -10.83
CA ILE A 221 5.93 -33.78 -10.57
C ILE A 221 6.45 -35.13 -11.05
N PRO A 222 6.55 -36.12 -10.12
CA PRO A 222 6.78 -37.56 -10.40
C PRO A 222 5.63 -38.26 -11.16
N ALA A 223 6.02 -39.19 -12.06
CA ALA A 223 5.11 -39.95 -12.95
C ALA A 223 3.74 -40.30 -12.35
#